data_9MVL
#
_entry.id   9MVL
#
_cell.length_a   77.166
_cell.length_b   77.166
_cell.length_c   150.685
_cell.angle_alpha   90.000
_cell.angle_beta   90.000
_cell.angle_gamma   90.000
#
_symmetry.space_group_name_H-M   'P 43 2 2'
#
loop_
_entity.id
_entity.type
_entity.pdbx_description
1 polymer 'Peptidase C30'
2 non-polymer '(1R,2S)-2-({N-[(benzyloxy)carbonyl]-L-leucyl}amino)-1-hydroxy-3-[(3S)-2-oxopyrrolidin-3-yl]propane-1-sulfonic acid'
3 water water
#
_entity_poly.entity_id   1
_entity_poly.type   'polypeptide(L)'
_entity_poly.pdbx_seq_one_letter_code
;SGLRKMAQPSGIVEPCIVRVAYGSNVLNGLWIGDEVICPRHVIASDTSRVINYDNELSSVRLHNFSIAKNNVFLGVVSAK
YKGVNLVLKVNQVNPNTPEHKFKSVKPGESFNILACYEGCPGSVYGVNMRSQGTIKGSFIAGTCGSVGYVLENGILYFVY
MHHLELGNGSHVGSNLEGEMYGGYEDQPSMQLEGTNVMSSDNVVAFLYAALINGERWFVTNTSMSLESYNAWAKTNSFTE
IVSTDAFNMLAAKTGYSVEKLLECIVRLNKGFGGRTILSYGSLCDEFTPTEVIRQMYGVN
;
_entity_poly.pdbx_strand_id   A
#
loop_
_chem_comp.id
_chem_comp.type
_chem_comp.name
_chem_comp.formula
B1S peptide-like '(1R,2S)-2-({N-[(benzyloxy)carbonyl]-L-leucyl}amino)-1-hydroxy-3-[(3S)-2-oxopyrrolidin-3-yl]propane-1-sulfonic acid' 'C21 H31 N3 O8 S'
#
# COMPACT_ATOMS: atom_id res chain seq x y z
N SER A 1 -9.80 19.28 -14.36
N SER A 1 -9.65 19.46 -14.23
CA SER A 1 -8.49 18.77 -14.79
CA SER A 1 -8.60 18.59 -14.75
C SER A 1 -7.40 18.57 -13.70
C SER A 1 -7.51 18.43 -13.70
N GLY A 2 -6.36 17.84 -14.05
CA GLY A 2 -5.29 17.52 -13.13
C GLY A 2 -5.35 16.07 -12.68
N LEU A 3 -4.18 15.55 -12.30
CA LEU A 3 -4.07 14.22 -11.70
C LEU A 3 -3.18 14.35 -10.47
N ARG A 4 -3.72 13.93 -9.32
CA ARG A 4 -2.96 13.86 -8.07
C ARG A 4 -3.14 12.49 -7.43
N LYS A 5 -2.08 11.98 -6.81
CA LYS A 5 -2.24 10.76 -6.00
C LYS A 5 -2.98 11.11 -4.72
N MET A 6 -4.10 10.48 -4.47
N MET A 6 -4.14 10.50 -4.52
CA MET A 6 -4.96 10.90 -3.40
CA MET A 6 -5.05 10.86 -3.46
C MET A 6 -5.32 9.71 -2.54
C MET A 6 -5.14 9.71 -2.48
N ALA A 7 -5.75 10.00 -1.32
CA ALA A 7 -6.21 8.99 -0.38
C ALA A 7 -7.70 9.11 -0.20
N GLN A 8 -8.39 8.02 0.01
CA GLN A 8 -9.76 8.07 0.47
C GLN A 8 -9.84 8.60 1.90
N PRO A 9 -10.94 9.27 2.29
CA PRO A 9 -10.98 9.95 3.59
C PRO A 9 -10.79 8.99 4.74
N SER A 10 -10.13 9.48 5.77
CA SER A 10 -9.65 8.63 6.87
C SER A 10 -10.52 8.59 8.10
N GLY A 11 -11.60 9.36 8.18
CA GLY A 11 -12.37 9.46 9.38
C GLY A 11 -12.82 8.15 10.00
N ILE A 12 -13.27 7.20 9.18
CA ILE A 12 -13.81 5.95 9.68
C ILE A 12 -12.72 5.12 10.35
N VAL A 13 -11.48 5.35 9.99
CA VAL A 13 -10.34 4.57 10.49
C VAL A 13 -9.71 5.21 11.72
N GLU A 14 -9.66 6.54 11.81
CA GLU A 14 -8.96 7.23 12.88
C GLU A 14 -9.34 6.77 14.28
N PRO A 15 -10.62 6.53 14.60
CA PRO A 15 -10.95 6.13 15.98
C PRO A 15 -10.47 4.75 16.37
N CYS A 16 -9.91 4.00 15.44
CA CYS A 16 -9.45 2.64 15.72
C CYS A 16 -7.98 2.62 16.07
N ILE A 17 -7.27 3.73 16.03
CA ILE A 17 -5.83 3.73 16.25
C ILE A 17 -5.50 3.92 17.71
N VAL A 18 -4.66 3.01 18.27
CA VAL A 18 -4.20 3.09 19.65
C VAL A 18 -2.67 3.05 19.71
N ARG A 19 -2.11 3.59 20.81
CA ARG A 19 -0.72 3.42 21.13
C ARG A 19 -0.51 2.09 21.81
N VAL A 20 0.47 1.32 21.32
CA VAL A 20 0.83 0.03 21.96
C VAL A 20 2.31 0.09 22.30
N ALA A 21 2.63 -0.08 23.58
CA ALA A 21 4.00 -0.07 24.02
C ALA A 21 4.29 -1.31 24.85
N TYR A 22 5.50 -1.76 24.77
CA TYR A 22 5.97 -2.91 25.58
C TYR A 22 7.45 -2.64 25.81
N GLY A 23 7.81 -2.50 27.09
CA GLY A 23 9.19 -2.12 27.35
C GLY A 23 9.47 -0.73 26.77
N SER A 24 10.57 -0.65 26.04
N SER A 24 10.56 -0.63 26.04
CA SER A 24 10.93 0.61 25.40
CA SER A 24 10.91 0.64 25.41
C SER A 24 10.45 0.72 23.96
C SER A 24 10.40 0.75 23.97
N ASN A 25 9.74 -0.27 23.45
CA ASN A 25 9.20 -0.20 22.09
C ASN A 25 7.83 0.46 22.09
N VAL A 26 7.65 1.36 21.10
CA VAL A 26 6.37 2.06 20.97
C VAL A 26 5.89 2.01 19.52
N LEU A 27 4.70 1.48 19.32
CA LEU A 27 4.15 1.52 17.96
C LEU A 27 2.63 1.70 18.04
N ASN A 28 1.93 1.42 16.93
CA ASN A 28 0.51 1.59 16.82
C ASN A 28 -0.22 0.26 16.73
N GLY A 29 -1.44 0.25 17.19
CA GLY A 29 -2.31 -0.89 17.04
C GLY A 29 -3.65 -0.48 16.46
N LEU A 30 -4.34 -1.47 15.94
CA LEU A 30 -5.68 -1.34 15.38
C LEU A 30 -6.66 -1.98 16.38
N TRP A 31 -7.46 -1.13 17.04
CA TRP A 31 -8.43 -1.54 18.06
C TRP A 31 -9.79 -1.68 17.42
N ILE A 32 -10.24 -2.90 17.21
CA ILE A 32 -11.52 -3.21 16.60
C ILE A 32 -12.23 -4.27 17.42
N GLY A 33 -13.49 -4.01 17.77
CA GLY A 33 -14.11 -4.90 18.75
C GLY A 33 -13.29 -4.89 20.02
N ASP A 34 -13.12 -6.09 20.61
CA ASP A 34 -12.31 -6.27 21.80
C ASP A 34 -10.91 -6.79 21.48
N GLU A 35 -10.39 -6.48 20.30
CA GLU A 35 -9.06 -6.89 19.89
C GLU A 35 -8.22 -5.70 19.53
N VAL A 36 -6.92 -5.80 19.78
CA VAL A 36 -5.91 -4.88 19.23
C VAL A 36 -4.95 -5.72 18.44
N ILE A 37 -4.73 -5.33 17.19
CA ILE A 37 -3.80 -5.99 16.28
C ILE A 37 -2.60 -5.08 16.10
N CYS A 38 -1.38 -5.59 16.25
CA CYS A 38 -0.17 -4.80 16.10
C CYS A 38 0.98 -5.67 15.62
N PRO A 39 2.07 -5.09 15.13
CA PRO A 39 3.25 -5.89 14.77
C PRO A 39 3.83 -6.57 16.00
N ARG A 40 4.22 -7.85 15.81
CA ARG A 40 4.67 -8.60 16.99
C ARG A 40 6.02 -8.13 17.50
N HIS A 41 6.81 -7.36 16.72
CA HIS A 41 8.12 -6.94 17.24
C HIS A 41 8.00 -5.96 18.39
N VAL A 42 6.79 -5.46 18.70
CA VAL A 42 6.71 -4.58 19.89
C VAL A 42 7.21 -5.28 21.14
N ILE A 43 7.12 -6.61 21.22
CA ILE A 43 7.54 -7.30 22.45
C ILE A 43 9.00 -7.71 22.41
N ALA A 44 9.73 -7.43 21.36
CA ALA A 44 11.12 -7.90 21.26
C ALA A 44 12.06 -7.03 22.05
N SER A 45 12.96 -7.66 22.81
N SER A 45 12.96 -7.69 22.78
CA SER A 45 13.82 -6.83 23.64
CA SER A 45 13.88 -6.94 23.62
C SER A 45 14.85 -6.02 22.83
C SER A 45 14.81 -6.04 22.83
N ASP A 46 15.24 -6.46 21.63
CA ASP A 46 16.22 -5.71 20.85
C ASP A 46 15.90 -5.87 19.36
N THR A 47 15.18 -4.85 18.83
CA THR A 47 14.81 -4.93 17.41
C THR A 47 15.94 -4.58 16.45
N SER A 48 17.12 -4.19 16.96
CA SER A 48 18.26 -3.90 16.08
C SER A 48 19.05 -5.13 15.66
N ARG A 49 18.74 -6.32 16.20
CA ARG A 49 19.44 -7.54 15.90
C ARG A 49 18.41 -8.61 15.56
N VAL A 50 18.83 -9.71 14.94
CA VAL A 50 17.90 -10.81 14.62
C VAL A 50 17.17 -11.23 15.91
N ILE A 51 15.87 -11.49 15.77
CA ILE A 51 14.94 -11.74 16.87
C ILE A 51 14.53 -13.21 16.80
N ASN A 52 14.62 -13.89 17.96
CA ASN A 52 14.01 -15.21 18.12
C ASN A 52 12.63 -14.99 18.74
N TYR A 53 11.61 -15.02 17.87
CA TYR A 53 10.28 -14.69 18.31
C TYR A 53 9.68 -15.74 19.26
N ASP A 54 10.23 -16.98 19.24
CA ASP A 54 9.83 -17.95 20.27
C ASP A 54 10.24 -17.44 21.63
N ASN A 55 11.50 -17.00 21.74
CA ASN A 55 12.02 -16.55 23.03
C ASN A 55 11.29 -15.31 23.51
N GLU A 56 10.92 -14.40 22.58
CA GLU A 56 10.22 -13.22 23.05
C GLU A 56 8.83 -13.53 23.55
N LEU A 57 8.11 -14.46 22.90
CA LEU A 57 6.79 -14.81 23.42
C LEU A 57 6.89 -15.58 24.74
N SER A 58 7.92 -16.43 24.86
N SER A 58 7.93 -16.40 24.87
CA SER A 58 8.12 -17.18 26.10
CA SER A 58 8.06 -17.19 26.10
C SER A 58 8.22 -16.28 27.31
C SER A 58 8.23 -16.29 27.32
N SER A 59 8.90 -15.14 27.16
CA SER A 59 9.11 -14.27 28.29
C SER A 59 8.12 -13.10 28.38
N VAL A 60 7.12 -13.03 27.50
CA VAL A 60 6.12 -11.97 27.57
C VAL A 60 5.33 -12.08 28.86
N ARG A 61 4.84 -10.94 29.34
CA ARG A 61 3.86 -10.89 30.41
C ARG A 61 2.73 -9.97 29.97
N LEU A 62 1.49 -10.41 30.09
CA LEU A 62 0.35 -9.61 29.61
C LEU A 62 0.30 -8.24 30.29
N HIS A 63 0.63 -8.18 31.58
CA HIS A 63 0.59 -6.92 32.33
C HIS A 63 1.54 -5.89 31.78
N ASN A 64 2.59 -6.29 31.04
CA ASN A 64 3.62 -5.33 30.62
C ASN A 64 3.18 -4.54 29.39
N PHE A 65 2.08 -4.92 28.76
CA PHE A 65 1.58 -4.12 27.61
C PHE A 65 0.97 -2.83 28.14
N SER A 66 1.27 -1.72 27.46
N SER A 66 1.29 -1.73 27.47
CA SER A 66 0.62 -0.44 27.76
CA SER A 66 0.65 -0.44 27.71
C SER A 66 -0.07 0.06 26.52
C SER A 66 -0.09 -0.08 26.44
N ILE A 67 -1.39 0.01 26.52
CA ILE A 67 -2.22 0.34 25.36
C ILE A 67 -3.15 1.47 25.72
N ALA A 68 -3.17 2.52 24.91
CA ALA A 68 -3.95 3.70 25.27
C ALA A 68 -4.48 4.42 24.04
N LYS A 69 -5.62 5.07 24.25
CA LYS A 69 -6.17 6.03 23.32
C LYS A 69 -6.66 7.17 24.18
N ASN A 70 -6.07 8.35 24.01
CA ASN A 70 -6.43 9.47 24.89
C ASN A 70 -6.36 9.02 26.35
N ASN A 71 -7.48 9.19 27.06
CA ASN A 71 -7.56 8.82 28.47
C ASN A 71 -8.13 7.42 28.70
N VAL A 72 -8.15 6.57 27.67
CA VAL A 72 -8.65 5.21 27.80
C VAL A 72 -7.42 4.29 27.85
N PHE A 73 -7.28 3.48 28.89
CA PHE A 73 -6.17 2.53 28.99
C PHE A 73 -6.75 1.14 28.94
N LEU A 74 -6.18 0.30 28.09
CA LEU A 74 -6.74 -1.00 27.76
C LEU A 74 -5.84 -2.09 28.35
N GLY A 75 -6.43 -3.02 29.07
CA GLY A 75 -5.68 -4.14 29.63
C GLY A 75 -5.76 -5.34 28.70
N VAL A 76 -4.62 -6.04 28.60
CA VAL A 76 -4.53 -7.21 27.72
C VAL A 76 -4.90 -8.45 28.52
N VAL A 77 -5.86 -9.21 28.01
CA VAL A 77 -6.27 -10.45 28.67
C VAL A 77 -5.84 -11.70 27.92
N SER A 78 -5.44 -11.60 26.66
CA SER A 78 -4.89 -12.74 25.95
C SER A 78 -4.02 -12.22 24.82
N ALA A 79 -2.96 -12.95 24.47
CA ALA A 79 -2.04 -12.55 23.42
C ALA A 79 -1.67 -13.77 22.59
N LYS A 80 -1.78 -13.69 21.26
CA LYS A 80 -1.35 -14.70 20.32
C LYS A 80 -0.56 -14.05 19.20
N TYR A 81 0.44 -14.74 18.68
CA TYR A 81 0.90 -14.40 17.33
C TYR A 81 -0.10 -14.93 16.34
N LYS A 82 -0.35 -14.15 15.28
CA LYS A 82 -1.03 -14.55 14.05
C LYS A 82 -0.09 -14.11 12.93
N GLY A 83 0.72 -15.01 12.39
CA GLY A 83 1.78 -14.61 11.48
C GLY A 83 2.72 -13.66 12.19
N VAL A 84 3.00 -12.53 11.53
CA VAL A 84 3.90 -11.51 12.03
C VAL A 84 3.20 -10.46 12.92
N ASN A 85 1.93 -10.65 13.21
CA ASN A 85 1.22 -9.76 14.09
C ASN A 85 0.95 -10.39 15.44
N LEU A 86 0.77 -9.55 16.44
CA LEU A 86 0.10 -9.90 17.67
C LEU A 86 -1.37 -9.61 17.52
N VAL A 87 -2.23 -10.50 18.01
CA VAL A 87 -3.64 -10.28 18.21
C VAL A 87 -3.85 -10.30 19.72
N LEU A 88 -4.22 -9.18 20.28
CA LEU A 88 -4.36 -8.95 21.71
C LEU A 88 -5.83 -8.80 22.04
N LYS A 89 -6.36 -9.69 22.88
N LYS A 89 -6.36 -9.69 22.87
CA LYS A 89 -7.70 -9.51 23.39
CA LYS A 89 -7.70 -9.51 23.39
C LYS A 89 -7.60 -8.51 24.54
C LYS A 89 -7.60 -8.51 24.54
N VAL A 90 -8.44 -7.46 24.51
CA VAL A 90 -8.41 -6.44 25.54
C VAL A 90 -9.73 -6.39 26.31
N ASN A 91 -9.72 -5.63 27.39
CA ASN A 91 -10.82 -5.63 28.35
C ASN A 91 -11.90 -4.62 28.04
N GLN A 92 -11.88 -4.00 26.86
N GLN A 92 -11.88 -4.02 26.85
CA GLN A 92 -12.91 -3.06 26.45
CA GLN A 92 -12.95 -3.12 26.44
C GLN A 92 -13.14 -3.17 24.95
C GLN A 92 -13.15 -3.22 24.94
N VAL A 93 -14.40 -3.11 24.53
CA VAL A 93 -14.79 -3.07 23.12
C VAL A 93 -14.70 -1.63 22.61
N ASN A 94 -14.08 -1.43 21.44
CA ASN A 94 -14.01 -0.09 20.84
C ASN A 94 -15.41 0.38 20.43
N PRO A 95 -15.98 1.38 21.13
CA PRO A 95 -17.34 1.80 20.78
C PRO A 95 -17.44 2.45 19.44
N ASN A 96 -16.30 2.80 18.84
CA ASN A 96 -16.28 3.39 17.50
C ASN A 96 -15.80 2.39 16.43
N THR A 97 -15.92 1.10 16.66
CA THR A 97 -15.58 0.10 15.68
C THR A 97 -16.46 0.27 14.46
N PRO A 98 -15.92 0.49 13.28
CA PRO A 98 -16.76 0.51 12.08
C PRO A 98 -17.03 -0.85 11.54
N GLU A 99 -18.13 -1.00 10.81
CA GLU A 99 -18.30 -2.17 10.00
C GLU A 99 -17.09 -2.31 9.08
N HIS A 100 -16.57 -3.52 8.95
CA HIS A 100 -15.34 -3.72 8.19
C HIS A 100 -15.17 -5.16 7.79
N LYS A 101 -14.31 -5.34 6.82
CA LYS A 101 -13.84 -6.61 6.32
C LYS A 101 -12.32 -6.55 6.22
N PHE A 102 -11.71 -7.70 5.95
CA PHE A 102 -10.29 -7.84 5.70
C PHE A 102 -10.08 -8.40 4.30
N LYS A 103 -9.09 -7.89 3.60
CA LYS A 103 -8.66 -8.55 2.38
C LYS A 103 -7.21 -8.19 2.11
N SER A 104 -6.60 -8.90 1.19
CA SER A 104 -5.27 -8.65 0.75
C SER A 104 -5.29 -7.89 -0.56
N VAL A 105 -4.41 -6.92 -0.70
CA VAL A 105 -4.18 -6.29 -2.00
C VAL A 105 -3.17 -7.12 -2.79
N LYS A 106 -3.15 -6.92 -4.07
CA LYS A 106 -2.29 -7.56 -5.04
C LYS A 106 -1.36 -6.52 -5.68
N PRO A 107 -0.24 -6.94 -6.26
CA PRO A 107 0.58 -6.00 -7.02
C PRO A 107 -0.25 -5.24 -8.04
N GLY A 108 0.05 -3.94 -8.11
CA GLY A 108 -0.64 -3.02 -9.00
C GLY A 108 -1.84 -2.36 -8.40
N GLU A 109 -2.32 -2.79 -7.24
CA GLU A 109 -3.50 -2.24 -6.62
C GLU A 109 -3.15 -1.09 -5.68
N SER A 110 -4.01 -0.09 -5.67
CA SER A 110 -3.86 1.09 -4.82
C SER A 110 -4.60 0.92 -3.51
N PHE A 111 -4.08 1.62 -2.51
CA PHE A 111 -4.75 1.67 -1.22
C PHE A 111 -4.24 2.88 -0.45
N ASN A 112 -4.81 3.08 0.73
CA ASN A 112 -4.53 4.27 1.56
C ASN A 112 -3.76 3.91 2.79
N ILE A 113 -2.78 4.75 3.14
CA ILE A 113 -2.06 4.62 4.40
C ILE A 113 -2.53 5.71 5.34
N LEU A 114 -2.93 5.32 6.55
CA LEU A 114 -3.07 6.25 7.67
C LEU A 114 -1.78 6.14 8.48
N ALA A 115 -0.88 7.08 8.30
CA ALA A 115 0.44 7.07 8.95
C ALA A 115 0.27 7.57 10.38
N CYS A 116 0.65 6.74 11.37
CA CYS A 116 0.37 6.97 12.77
C CYS A 116 1.72 7.00 13.50
N TYR A 117 1.83 7.88 14.49
CA TYR A 117 3.13 8.14 15.12
C TYR A 117 2.91 7.92 16.60
N GLU A 118 3.38 6.77 17.09
CA GLU A 118 3.27 6.41 18.51
C GLU A 118 1.84 6.62 19.04
N GLY A 119 0.85 6.12 18.27
CA GLY A 119 -0.54 6.09 18.63
C GLY A 119 -1.40 7.22 18.08
N CYS A 120 -0.77 8.22 17.49
N CYS A 120 -0.78 8.21 17.46
CA CYS A 120 -1.52 9.41 17.02
CA CYS A 120 -1.50 9.40 17.01
C CYS A 120 -1.60 9.40 15.49
C CYS A 120 -1.59 9.42 15.49
N PRO A 121 -2.79 9.31 14.88
CA PRO A 121 -2.91 9.51 13.41
C PRO A 121 -2.31 10.85 13.03
N GLY A 122 -1.38 10.85 12.10
CA GLY A 122 -0.63 11.99 11.72
C GLY A 122 -0.90 12.42 10.29
N SER A 123 -1.03 11.46 9.37
N SER A 123 -1.04 11.46 9.39
CA SER A 123 -1.23 11.86 7.98
CA SER A 123 -1.08 11.78 7.98
C SER A 123 -1.80 10.71 7.18
C SER A 123 -1.88 10.71 7.25
N VAL A 124 -2.28 11.03 5.97
N VAL A 124 -2.25 11.04 6.01
CA VAL A 124 -2.94 10.04 5.11
CA VAL A 124 -2.91 10.12 5.09
C VAL A 124 -2.50 10.29 3.67
C VAL A 124 -2.26 10.31 3.72
N TYR A 125 -2.10 9.21 2.99
CA TYR A 125 -1.68 9.29 1.61
C TYR A 125 -1.93 8.00 0.88
N GLY A 126 -1.95 8.08 -0.44
CA GLY A 126 -2.17 6.92 -1.28
C GLY A 126 -0.88 6.26 -1.70
N VAL A 127 -0.95 4.92 -1.85
CA VAL A 127 0.15 4.08 -2.26
C VAL A 127 -0.34 3.09 -3.34
N ASN A 128 0.61 2.39 -3.95
CA ASN A 128 0.33 1.34 -4.91
C ASN A 128 1.30 0.19 -4.67
N MET A 129 0.78 -1.02 -4.58
N MET A 129 0.78 -1.05 -4.61
CA MET A 129 1.63 -2.16 -4.28
CA MET A 129 1.59 -2.22 -4.27
C MET A 129 2.51 -2.49 -5.49
C MET A 129 2.47 -2.63 -5.45
N ARG A 130 3.79 -2.64 -5.23
CA ARG A 130 4.77 -2.97 -6.25
C ARG A 130 4.80 -4.50 -6.45
N SER A 131 5.44 -4.90 -7.56
CA SER A 131 5.49 -6.31 -7.92
C SER A 131 6.08 -7.20 -6.84
N GLN A 132 7.07 -6.72 -6.10
CA GLN A 132 7.76 -7.51 -5.07
C GLN A 132 7.08 -7.35 -3.71
N GLY A 133 5.91 -6.79 -3.67
CA GLY A 133 5.13 -6.72 -2.44
C GLY A 133 5.37 -5.54 -1.55
N THR A 134 6.13 -4.57 -2.00
CA THR A 134 6.56 -3.39 -1.26
C THR A 134 5.74 -2.18 -1.70
N ILE A 135 5.81 -1.14 -0.88
CA ILE A 135 5.31 0.18 -1.23
C ILE A 135 6.42 1.18 -1.03
N LYS A 136 6.27 2.34 -1.65
CA LYS A 136 7.19 3.45 -1.48
C LYS A 136 6.48 4.55 -0.70
N GLY A 137 6.61 4.52 0.60
CA GLY A 137 5.96 5.49 1.46
C GLY A 137 6.94 6.38 2.16
N SER A 138 6.58 6.71 3.39
N SER A 138 6.59 6.76 3.38
CA SER A 138 7.40 7.55 4.25
CA SER A 138 7.50 7.52 4.22
C SER A 138 7.06 7.06 5.64
C SER A 138 7.14 7.10 5.64
N PHE A 139 7.91 6.20 6.16
CA PHE A 139 7.70 5.62 7.48
C PHE A 139 9.01 5.79 8.24
N ILE A 140 8.87 6.08 9.53
CA ILE A 140 10.02 6.26 10.43
C ILE A 140 9.78 5.44 11.71
N ALA A 141 10.76 5.45 12.60
CA ALA A 141 10.55 4.85 13.91
C ALA A 141 9.32 5.41 14.59
N GLY A 142 8.53 4.54 15.19
CA GLY A 142 7.29 4.95 15.81
C GLY A 142 6.04 4.81 14.93
N THR A 143 6.24 4.46 13.65
CA THR A 143 5.11 4.34 12.74
C THR A 143 4.73 2.90 12.44
N CYS A 144 5.41 1.90 13.01
CA CYS A 144 4.91 0.56 12.73
C CYS A 144 3.52 0.38 13.32
N GLY A 145 2.73 -0.48 12.68
CA GLY A 145 1.36 -0.64 12.98
C GLY A 145 0.44 0.35 12.29
N SER A 146 1.01 1.31 11.60
CA SER A 146 0.21 2.18 10.72
C SER A 146 -0.59 1.26 9.80
N VAL A 147 -1.81 1.71 9.47
CA VAL A 147 -2.84 0.90 8.84
C VAL A 147 -3.08 1.32 7.42
N GLY A 148 -3.18 0.35 6.52
CA GLY A 148 -3.64 0.56 5.16
C GLY A 148 -5.05 0.02 4.99
N TYR A 149 -5.86 0.75 4.21
CA TYR A 149 -7.26 0.45 4.06
C TYR A 149 -7.71 0.84 2.66
N VAL A 150 -8.86 0.30 2.26
N VAL A 150 -8.85 0.22 2.25
CA VAL A 150 -9.50 0.73 1.00
CA VAL A 150 -9.60 0.60 1.05
C VAL A 150 -10.99 0.59 1.18
C VAL A 150 -11.08 0.74 1.40
N LEU A 151 -11.73 1.61 0.67
CA LEU A 151 -13.19 1.61 0.64
C LEU A 151 -13.64 1.22 -0.75
N GLU A 152 -14.50 0.22 -0.82
CA GLU A 152 -15.06 -0.22 -2.10
C GLU A 152 -16.56 -0.41 -1.90
N ASN A 153 -17.37 0.29 -2.68
CA ASN A 153 -18.82 0.09 -2.59
C ASN A 153 -19.33 0.30 -1.16
N GLY A 154 -18.83 1.33 -0.51
CA GLY A 154 -19.23 1.59 0.85
C GLY A 154 -18.71 0.62 1.90
N ILE A 155 -17.92 -0.37 1.53
CA ILE A 155 -17.36 -1.34 2.47
C ILE A 155 -15.90 -0.95 2.79
N LEU A 156 -15.60 -0.91 4.09
CA LEU A 156 -14.23 -0.65 4.56
C LEU A 156 -13.47 -1.95 4.67
N TYR A 157 -12.36 -2.05 3.96
CA TYR A 157 -11.43 -3.19 4.09
C TYR A 157 -10.12 -2.73 4.73
N PHE A 158 -9.65 -3.49 5.74
CA PHE A 158 -8.32 -3.28 6.25
C PHE A 158 -7.38 -4.23 5.49
N VAL A 159 -6.29 -3.69 4.93
CA VAL A 159 -5.47 -4.42 3.96
C VAL A 159 -4.00 -4.46 4.31
N TYR A 160 -3.50 -3.59 5.19
CA TYR A 160 -2.06 -3.45 5.40
C TYR A 160 -1.79 -3.00 6.82
N MET A 161 -0.70 -3.50 7.39
CA MET A 161 -0.12 -3.04 8.64
C MET A 161 1.38 -2.96 8.47
N HIS A 162 1.96 -1.83 8.87
CA HIS A 162 3.35 -1.56 8.57
C HIS A 162 4.35 -2.23 9.53
N HIS A 163 5.42 -2.85 8.95
CA HIS A 163 6.43 -3.54 9.76
C HIS A 163 7.87 -3.04 9.57
N LEU A 164 8.35 -2.73 8.36
CA LEU A 164 9.79 -2.54 8.20
C LEU A 164 10.14 -1.84 6.93
N GLU A 165 11.41 -1.44 6.85
CA GLU A 165 12.00 -0.81 5.67
C GLU A 165 13.20 -1.60 5.21
N LEU A 166 13.29 -1.84 3.93
CA LEU A 166 14.42 -2.57 3.34
C LEU A 166 15.58 -1.60 3.14
N GLY A 167 16.78 -2.17 2.90
CA GLY A 167 17.95 -1.32 2.71
C GLY A 167 17.89 -0.37 1.53
N ASN A 168 17.04 -0.64 0.55
CA ASN A 168 16.85 0.25 -0.57
C ASN A 168 15.74 1.27 -0.34
N GLY A 169 15.20 1.35 0.89
CA GLY A 169 14.16 2.30 1.21
C GLY A 169 12.74 1.84 0.98
N SER A 170 12.53 0.71 0.33
CA SER A 170 11.17 0.20 0.15
C SER A 170 10.55 -0.23 1.46
N HIS A 171 9.24 -0.09 1.55
CA HIS A 171 8.46 -0.33 2.76
C HIS A 171 7.67 -1.63 2.67
N VAL A 172 7.69 -2.37 3.79
CA VAL A 172 7.16 -3.71 3.88
C VAL A 172 6.17 -3.79 5.02
N GLY A 173 5.05 -4.46 4.78
CA GLY A 173 4.07 -4.74 5.79
C GLY A 173 3.33 -6.02 5.50
N SER A 174 2.30 -6.22 6.29
CA SER A 174 1.53 -7.45 6.26
C SER A 174 0.06 -7.16 5.98
N ASN A 175 -0.71 -8.18 5.62
CA ASN A 175 -2.14 -8.06 5.75
C ASN A 175 -2.53 -8.19 7.24
N LEU A 176 -3.81 -8.06 7.54
CA LEU A 176 -4.25 -8.10 8.94
C LEU A 176 -4.30 -9.51 9.48
N GLU A 177 -4.13 -10.50 8.62
CA GLU A 177 -3.94 -11.91 9.00
C GLU A 177 -2.49 -12.20 9.33
N GLY A 178 -1.61 -11.21 9.25
CA GLY A 178 -0.21 -11.43 9.60
C GLY A 178 0.63 -12.11 8.56
N GLU A 179 0.20 -12.13 7.30
CA GLU A 179 1.01 -12.63 6.19
C GLU A 179 1.76 -11.45 5.60
N MET A 180 3.07 -11.48 5.61
CA MET A 180 3.89 -10.37 5.12
C MET A 180 3.75 -10.33 3.59
N TYR A 181 3.42 -9.17 3.04
CA TYR A 181 3.50 -9.00 1.61
C TYR A 181 4.90 -9.16 1.08
N GLY A 182 5.00 -9.94 0.00
CA GLY A 182 6.31 -10.25 -0.53
C GLY A 182 7.04 -11.37 0.16
N GLY A 183 6.53 -11.86 1.26
CA GLY A 183 7.24 -12.95 1.96
C GLY A 183 8.40 -12.56 2.82
N TYR A 184 8.69 -11.29 3.00
CA TYR A 184 9.78 -10.83 3.81
C TYR A 184 9.61 -11.24 5.27
N GLU A 185 10.74 -11.46 5.92
CA GLU A 185 10.71 -11.72 7.36
C GLU A 185 10.68 -10.44 8.14
N ASP A 186 10.04 -10.46 9.33
CA ASP A 186 10.05 -9.31 10.24
C ASP A 186 11.33 -9.33 11.09
N GLN A 187 12.44 -9.06 10.41
CA GLN A 187 13.79 -9.06 10.95
C GLN A 187 14.55 -7.87 10.43
N PRO A 188 15.55 -7.39 11.16
CA PRO A 188 16.40 -6.28 10.67
C PRO A 188 17.51 -6.70 9.75
N SER A 189 17.64 -7.96 9.45
CA SER A 189 18.74 -8.45 8.62
C SER A 189 18.51 -8.04 7.17
N MET A 190 19.59 -7.97 6.42
N MET A 190 19.59 -8.01 6.40
CA MET A 190 19.47 -7.57 5.02
CA MET A 190 19.49 -7.61 5.01
C MET A 190 18.56 -8.55 4.28
C MET A 190 18.58 -8.57 4.25
N GLN A 191 17.60 -8.00 3.57
CA GLN A 191 16.73 -8.73 2.67
C GLN A 191 16.69 -7.92 1.39
N LEU A 192 16.82 -8.62 0.30
CA LEU A 192 16.82 -7.98 -1.00
C LEU A 192 15.42 -7.93 -1.55
N GLU A 193 15.17 -6.89 -2.28
CA GLU A 193 13.99 -6.80 -3.11
C GLU A 193 14.54 -7.17 -4.50
N GLY A 194 13.89 -8.10 -5.14
CA GLY A 194 14.22 -8.36 -6.51
C GLY A 194 13.85 -7.18 -7.40
N THR A 195 13.88 -7.47 -8.69
CA THR A 195 13.68 -6.47 -9.71
C THR A 195 12.23 -6.00 -9.67
N ASN A 196 12.08 -4.67 -9.71
CA ASN A 196 10.75 -4.07 -9.77
C ASN A 196 10.19 -4.25 -11.18
N VAL A 197 8.98 -4.78 -11.27
CA VAL A 197 8.27 -4.97 -12.55
C VAL A 197 7.14 -3.94 -12.57
N MET A 198 7.23 -3.01 -13.53
N MET A 198 7.18 -3.04 -13.54
CA MET A 198 6.20 -1.98 -13.69
CA MET A 198 6.22 -1.95 -13.58
C MET A 198 4.85 -2.55 -14.07
C MET A 198 4.89 -2.43 -14.15
N SER A 199 3.79 -1.98 -13.53
CA SER A 199 2.42 -2.38 -13.88
C SER A 199 2.02 -1.74 -15.21
N SER A 200 1.96 -2.55 -16.27
CA SER A 200 1.58 -2.02 -17.57
C SER A 200 0.16 -1.46 -17.56
N ASP A 201 -0.77 -2.12 -16.82
CA ASP A 201 -2.13 -1.61 -16.74
C ASP A 201 -2.13 -0.18 -16.20
N ASN A 202 -1.33 0.06 -15.17
CA ASN A 202 -1.32 1.37 -14.54
C ASN A 202 -0.64 2.41 -15.40
N VAL A 203 0.41 2.03 -16.13
CA VAL A 203 1.03 2.99 -17.05
C VAL A 203 0.06 3.37 -18.16
N VAL A 204 -0.67 2.40 -18.70
CA VAL A 204 -1.71 2.72 -19.67
C VAL A 204 -2.71 3.71 -19.06
N ALA A 205 -3.16 3.47 -17.82
CA ALA A 205 -4.10 4.42 -17.17
C ALA A 205 -3.49 5.82 -17.06
N PHE A 206 -2.24 5.92 -16.70
CA PHE A 206 -1.52 7.20 -16.59
C PHE A 206 -1.51 7.92 -17.93
N LEU A 207 -1.21 7.20 -19.02
CA LEU A 207 -1.23 7.86 -20.32
C LEU A 207 -2.62 8.30 -20.71
N TYR A 208 -3.64 7.50 -20.42
CA TYR A 208 -5.01 7.95 -20.62
C TYR A 208 -5.30 9.21 -19.81
N ALA A 209 -4.80 9.28 -18.55
CA ALA A 209 -5.08 10.48 -17.77
C ALA A 209 -4.49 11.70 -18.44
N ALA A 210 -3.28 11.56 -19.02
CA ALA A 210 -2.66 12.68 -19.71
C ALA A 210 -3.51 13.10 -20.90
N LEU A 211 -4.02 12.13 -21.65
CA LEU A 211 -4.86 12.44 -22.80
C LEU A 211 -6.15 13.13 -22.36
N ILE A 212 -6.79 12.68 -21.28
CA ILE A 212 -8.00 13.33 -20.75
C ILE A 212 -7.67 14.77 -20.40
N ASN A 213 -6.46 15.00 -19.90
CA ASN A 213 -5.97 16.32 -19.47
C ASN A 213 -5.60 17.20 -20.66
N GLY A 214 -5.69 16.68 -21.87
CA GLY A 214 -5.34 17.44 -23.07
C GLY A 214 -3.89 17.45 -23.42
N GLU A 215 -3.09 16.56 -22.85
CA GLU A 215 -1.67 16.45 -23.13
C GLU A 215 -1.48 15.24 -24.03
N ARG A 216 -1.07 15.50 -25.27
CA ARG A 216 -1.04 14.47 -26.31
C ARG A 216 0.26 14.41 -27.10
N TRP A 217 1.30 15.13 -26.65
CA TRP A 217 2.53 15.29 -27.44
C TRP A 217 3.21 13.95 -27.73
N PHE A 218 3.03 12.98 -26.86
CA PHE A 218 3.75 11.72 -26.90
C PHE A 218 3.11 10.67 -27.79
N VAL A 219 1.91 10.92 -28.28
CA VAL A 219 1.26 9.96 -29.16
C VAL A 219 1.78 10.19 -30.57
N THR A 220 2.01 9.10 -31.32
CA THR A 220 2.51 9.17 -32.70
C THR A 220 1.54 8.39 -33.59
N ASN A 221 1.80 8.39 -34.91
N ASN A 221 1.87 8.28 -34.88
CA ASN A 221 1.02 7.58 -35.84
CA ASN A 221 1.02 7.59 -35.83
C ASN A 221 1.67 6.21 -35.84
C ASN A 221 1.34 6.10 -35.89
N THR A 222 1.44 5.49 -34.74
CA THR A 222 1.94 4.14 -34.55
C THR A 222 1.11 3.46 -33.47
N SER A 223 0.94 2.15 -33.61
N SER A 223 1.15 2.13 -33.46
CA SER A 223 0.29 1.30 -32.61
CA SER A 223 0.32 1.35 -32.53
C SER A 223 1.10 0.02 -32.45
C SER A 223 0.86 -0.05 -32.51
N MET A 224 0.90 -0.67 -31.33
CA MET A 224 1.50 -1.96 -31.13
C MET A 224 0.51 -3.03 -30.71
N SER A 225 0.51 -4.20 -31.36
N SER A 225 0.55 -4.19 -31.36
CA SER A 225 -0.44 -5.24 -31.00
CA SER A 225 -0.39 -5.24 -31.02
C SER A 225 -0.17 -5.81 -29.60
C SER A 225 -0.17 -5.72 -29.58
N LEU A 226 -1.23 -6.36 -29.01
N LEU A 226 -1.21 -6.38 -29.05
CA LEU A 226 -1.19 -6.83 -27.61
CA LEU A 226 -1.17 -6.85 -27.66
C LEU A 226 -0.13 -7.92 -27.42
C LEU A 226 -0.09 -7.91 -27.47
N GLU A 227 -0.08 -8.94 -28.33
CA GLU A 227 0.91 -9.99 -28.18
C GLU A 227 2.32 -9.40 -28.32
N SER A 228 2.47 -8.43 -29.22
CA SER A 228 3.76 -7.81 -29.46
C SER A 228 4.27 -7.06 -28.24
N TYR A 229 3.36 -6.26 -27.65
CA TYR A 229 3.68 -5.57 -26.39
C TYR A 229 4.06 -6.58 -25.30
N ASN A 230 3.31 -7.66 -25.17
CA ASN A 230 3.57 -8.60 -24.06
C ASN A 230 4.90 -9.27 -24.24
N ALA A 231 5.31 -9.54 -25.49
CA ALA A 231 6.64 -10.13 -25.68
C ALA A 231 7.73 -9.15 -25.30
N TRP A 232 7.53 -7.88 -25.56
CA TRP A 232 8.45 -6.84 -25.14
C TRP A 232 8.46 -6.71 -23.62
N ALA A 233 7.27 -6.72 -23.00
CA ALA A 233 7.19 -6.50 -21.56
C ALA A 233 7.99 -7.54 -20.79
N LYS A 234 7.90 -8.79 -21.24
CA LYS A 234 8.55 -9.93 -20.57
C LYS A 234 10.05 -9.78 -20.51
N THR A 235 10.67 -9.02 -21.41
CA THR A 235 12.09 -8.78 -21.27
C THR A 235 12.48 -7.37 -20.88
N ASN A 236 11.54 -6.50 -20.47
CA ASN A 236 11.78 -5.12 -20.15
C ASN A 236 11.17 -4.77 -18.77
N SER A 237 10.93 -5.79 -17.95
CA SER A 237 10.46 -5.57 -16.56
C SER A 237 9.16 -4.75 -16.49
N PHE A 238 8.22 -5.11 -17.36
CA PHE A 238 6.84 -4.64 -17.33
C PHE A 238 5.93 -5.86 -17.27
N THR A 239 4.75 -5.70 -16.69
CA THR A 239 3.81 -6.80 -16.66
C THR A 239 3.15 -7.03 -18.01
N GLU A 240 2.69 -8.26 -18.24
CA GLU A 240 1.90 -8.56 -19.42
C GLU A 240 0.46 -8.14 -19.20
N ILE A 241 -0.14 -7.59 -20.24
CA ILE A 241 -1.54 -7.21 -20.22
C ILE A 241 -2.38 -8.43 -20.56
N VAL A 242 -3.24 -8.82 -19.62
CA VAL A 242 -4.06 -10.01 -19.73
C VAL A 242 -5.41 -9.68 -20.33
N SER A 243 -5.88 -8.45 -20.17
CA SER A 243 -7.20 -8.07 -20.63
C SER A 243 -7.21 -6.57 -20.82
N THR A 244 -7.97 -6.11 -21.79
CA THR A 244 -8.15 -4.68 -21.99
C THR A 244 -9.46 -4.16 -21.41
N ASP A 245 -10.18 -5.00 -20.67
CA ASP A 245 -11.52 -4.61 -20.23
C ASP A 245 -11.49 -3.37 -19.37
N ALA A 246 -10.43 -3.23 -18.56
CA ALA A 246 -10.37 -2.10 -17.67
C ALA A 246 -10.26 -0.78 -18.39
N PHE A 247 -9.95 -0.78 -19.70
CA PHE A 247 -9.76 0.44 -20.44
C PHE A 247 -10.91 0.81 -21.35
N ASN A 248 -12.00 0.04 -21.34
CA ASN A 248 -13.07 0.29 -22.30
C ASN A 248 -13.58 1.73 -22.21
N MET A 249 -13.87 2.19 -20.98
CA MET A 249 -14.40 3.55 -20.84
C MET A 249 -13.36 4.60 -21.24
N LEU A 250 -12.12 4.41 -20.79
CA LEU A 250 -11.07 5.36 -21.11
C LEU A 250 -10.86 5.47 -22.62
N ALA A 251 -10.85 4.34 -23.30
CA ALA A 251 -10.69 4.35 -24.74
C ALA A 251 -11.88 5.01 -25.44
N ALA A 252 -13.09 4.74 -24.94
CA ALA A 252 -14.27 5.32 -25.55
C ALA A 252 -14.31 6.83 -25.38
N LYS A 253 -13.98 7.30 -24.17
CA LYS A 253 -14.06 8.73 -23.92
C LYS A 253 -12.96 9.52 -24.60
N THR A 254 -11.73 8.98 -24.69
CA THR A 254 -10.65 9.71 -25.28
C THR A 254 -10.54 9.50 -26.79
N GLY A 255 -11.06 8.38 -27.26
CA GLY A 255 -10.90 7.98 -28.64
C GLY A 255 -9.61 7.30 -28.99
N TYR A 256 -8.74 7.01 -28.02
CA TYR A 256 -7.44 6.37 -28.24
C TYR A 256 -7.46 4.92 -27.82
N SER A 257 -7.05 4.05 -28.73
CA SER A 257 -6.95 2.63 -28.44
C SER A 257 -5.82 2.31 -27.45
N VAL A 258 -5.99 1.16 -26.76
CA VAL A 258 -4.95 0.69 -25.86
C VAL A 258 -3.64 0.48 -26.62
N GLU A 259 -3.74 -0.10 -27.83
CA GLU A 259 -2.55 -0.42 -28.61
C GLU A 259 -1.73 0.82 -28.97
N LYS A 260 -2.38 1.98 -29.19
CA LYS A 260 -1.59 3.20 -29.41
C LYS A 260 -0.74 3.53 -28.18
N LEU A 261 -1.35 3.36 -27.00
N LEU A 261 -1.33 3.35 -27.00
CA LEU A 261 -0.64 3.64 -25.76
CA LEU A 261 -0.59 3.65 -25.77
C LEU A 261 0.43 2.60 -25.45
C LEU A 261 0.45 2.58 -25.44
N LEU A 262 0.25 1.34 -25.88
CA LEU A 262 1.31 0.32 -25.72
C LEU A 262 2.54 0.72 -26.52
N GLU A 263 2.34 1.20 -27.76
N GLU A 263 2.34 1.25 -27.74
CA GLU A 263 3.47 1.72 -28.51
CA GLU A 263 3.48 1.75 -28.51
C GLU A 263 4.12 2.89 -27.79
C GLU A 263 4.12 2.94 -27.81
N CYS A 264 3.30 3.77 -27.16
CA CYS A 264 3.86 4.88 -26.41
C CYS A 264 4.75 4.39 -25.27
N ILE A 265 4.36 3.34 -24.57
CA ILE A 265 5.16 2.84 -23.47
C ILE A 265 6.51 2.42 -23.96
N VAL A 266 6.55 1.61 -25.03
CA VAL A 266 7.82 1.07 -25.51
C VAL A 266 8.73 2.21 -25.93
N ARG A 267 8.18 3.22 -26.59
CA ARG A 267 8.97 4.37 -27.04
C ARG A 267 9.42 5.21 -25.87
N LEU A 268 8.52 5.53 -24.93
CA LEU A 268 8.83 6.45 -23.85
C LEU A 268 9.69 5.82 -22.76
N ASN A 269 9.69 4.51 -22.66
CA ASN A 269 10.55 3.87 -21.67
C ASN A 269 12.02 4.14 -21.98
N LYS A 270 12.35 4.43 -23.24
CA LYS A 270 13.72 4.84 -23.59
C LYS A 270 14.06 6.23 -23.09
N GLY A 271 13.08 7.00 -22.62
CA GLY A 271 13.28 8.36 -22.13
C GLY A 271 12.30 9.36 -22.72
N PHE A 272 11.96 10.38 -21.93
CA PHE A 272 11.05 11.44 -22.34
C PHE A 272 11.74 12.58 -23.10
N GLY A 273 13.05 12.51 -23.27
CA GLY A 273 13.75 13.56 -24.01
C GLY A 273 13.68 14.93 -23.38
N GLY A 274 13.70 14.98 -22.05
CA GLY A 274 13.55 16.23 -21.31
C GLY A 274 12.16 16.80 -21.20
N ARG A 275 11.14 16.14 -21.76
CA ARG A 275 9.78 16.60 -21.57
C ARG A 275 9.14 15.92 -20.35
N THR A 276 7.91 16.31 -20.04
CA THR A 276 7.14 15.72 -18.94
C THR A 276 5.76 15.31 -19.43
N ILE A 277 5.15 14.40 -18.65
CA ILE A 277 3.75 14.02 -18.82
C ILE A 277 3.09 14.20 -17.47
N LEU A 278 2.05 15.03 -17.39
CA LEU A 278 1.38 15.32 -16.12
C LEU A 278 2.40 15.72 -15.04
N SER A 279 3.48 16.37 -15.48
CA SER A 279 4.58 16.88 -14.66
C SER A 279 5.59 15.80 -14.27
N TYR A 280 5.34 14.53 -14.63
CA TYR A 280 6.33 13.51 -14.38
C TYR A 280 7.40 13.46 -15.46
N GLY A 281 8.65 13.09 -15.06
CA GLY A 281 9.74 12.95 -16.00
C GLY A 281 10.03 11.56 -16.53
N SER A 282 9.26 10.57 -16.07
CA SER A 282 9.36 9.22 -16.58
C SER A 282 8.01 8.55 -16.33
N LEU A 283 7.84 7.36 -16.87
CA LEU A 283 6.53 6.71 -16.78
C LEU A 283 6.17 6.41 -15.34
N CYS A 284 4.89 6.57 -15.02
CA CYS A 284 4.34 6.39 -13.68
C CYS A 284 3.36 5.23 -13.68
N ASP A 285 3.56 4.26 -12.75
CA ASP A 285 2.68 3.10 -12.62
C ASP A 285 1.94 3.08 -11.29
N GLU A 286 1.75 4.27 -10.70
CA GLU A 286 1.10 4.36 -9.39
C GLU A 286 -0.40 4.52 -9.41
N PHE A 287 -1.00 4.77 -10.56
CA PHE A 287 -2.41 5.03 -10.68
C PHE A 287 -3.10 3.89 -11.41
N THR A 288 -4.18 3.35 -10.87
CA THR A 288 -4.97 2.34 -11.53
C THR A 288 -5.98 2.95 -12.50
N PRO A 289 -6.52 2.14 -13.43
CA PRO A 289 -7.62 2.65 -14.25
C PRO A 289 -8.74 3.20 -13.42
N THR A 290 -9.11 2.51 -12.33
CA THR A 290 -10.21 2.97 -11.46
C THR A 290 -9.91 4.33 -10.87
N GLU A 291 -8.70 4.53 -10.37
CA GLU A 291 -8.33 5.80 -9.79
C GLU A 291 -8.43 6.92 -10.80
N VAL A 292 -7.97 6.69 -12.03
CA VAL A 292 -8.04 7.72 -13.04
C VAL A 292 -9.47 8.07 -13.39
N ILE A 293 -10.32 7.06 -13.61
CA ILE A 293 -11.72 7.32 -13.94
C ILE A 293 -12.41 8.07 -12.81
N ARG A 294 -12.20 7.65 -11.57
CA ARG A 294 -12.85 8.35 -10.44
C ARG A 294 -12.45 9.81 -10.34
N GLN A 295 -11.15 10.15 -10.40
CA GLN A 295 -10.82 11.54 -10.14
C GLN A 295 -10.98 12.39 -11.38
N MET A 296 -10.95 11.82 -12.60
CA MET A 296 -11.06 12.64 -13.79
C MET A 296 -12.46 12.71 -14.35
N TYR A 297 -13.27 11.71 -14.10
CA TYR A 297 -14.66 11.78 -14.52
C TYR A 297 -15.67 11.77 -13.40
N GLY A 298 -15.28 11.48 -12.17
CA GLY A 298 -16.19 11.44 -11.06
C GLY A 298 -17.16 10.30 -11.10
N VAL A 299 -16.85 9.20 -11.82
CA VAL A 299 -17.75 8.05 -11.89
C VAL A 299 -17.14 6.85 -11.18
N ASN A 300 -18.02 5.90 -10.83
CA ASN A 300 -17.78 4.76 -9.91
C ASN A 300 -16.53 4.85 -9.04
C7 B1S B . 15.46 -1.14 8.87
O8 B1S B . 15.01 -1.88 10.01
C9 B1S B . 13.68 -1.99 10.22
O10 B1S B . 12.84 -1.49 9.50
C1 B1S B . 15.62 0.29 9.21
C2 B1S B . 15.54 0.85 10.57
C3 B1S B . 15.69 2.33 10.87
C4 B1S B . 15.92 3.23 9.70
C5 B1S B . 15.99 2.66 8.35
C6 B1S B . 15.83 1.21 8.04
N11 B1S B . 13.39 -2.73 11.33
C12 B1S B . 12.07 -2.79 11.85
C17 B1S B . 11.68 -1.38 12.27
O18 B1S B . 12.39 -0.58 12.86
C13 B1S B . 11.99 -3.73 13.03
C14 B1S B . 12.16 -5.15 12.58
C15 B1S B . 12.36 -6.04 13.82
C16 B1S B . 10.97 -5.69 11.84
N19 B1S B . 10.34 -1.03 11.94
C20 B1S B . 9.77 0.28 12.28
C21 B1S B . 8.51 0.24 13.06
O22 B1S B . 8.76 -0.38 14.36
C24 B1S B . 9.49 1.00 10.92
C25 B1S B . 10.85 1.33 10.19
C26 B1S B . 11.68 2.17 10.77
C27 B1S B . 12.42 3.02 9.53
N28 B1S B . 11.53 2.93 8.50
C29 B1S B . 10.54 1.90 8.74
O30 B1S B . 9.71 1.57 7.95
H1 B1S B . 14.71 -1.23 8.08
H3 B1S B . 15.36 0.18 11.40
H4 B1S B . 15.64 2.71 11.88
H2 B1S B . 16.40 -1.54 8.52
H5 B1S B . 16.03 4.30 9.85
H6 B1S B . 16.17 3.34 7.53
H7 B1S B . 15.86 0.84 7.02
H8 B1S B . 14.12 -3.25 11.78
H9 B1S B . 11.38 -3.15 11.10
H10 B1S B . 11.03 -3.63 13.51
H11 B1S B . 12.78 -3.49 13.74
H12 B1S B . 13.02 -5.16 11.90
H13 B1S B . 12.44 -7.08 13.50
H14 B1S B . 13.26 -5.75 14.33
H15 B1S B . 11.51 -5.92 14.48
H16 B1S B . 11.01 -6.78 11.83
H17 B1S B . 10.97 -5.32 10.82
H18 B1S B . 10.05 -5.37 12.34
H19 B1S B . 9.77 -1.70 11.45
H20 B1S B . 10.48 0.78 12.93
H23 B1S B . 8.36 0.11 15.05
H24 B1S B . 8.96 1.92 11.10
H25 B1S B . 8.89 0.35 10.29
H26 B1S B . 11.43 0.40 10.16
H27 B1S B . 11.12 2.85 11.41
H28 B1S B . 12.43 1.64 11.34
H29 B1S B . 13.37 2.57 9.27
H30 B1S B . 12.57 4.07 9.82
H31 B1S B . 11.73 3.27 7.58
H271 B1S B . 8.14 1.25 13.20
#